data_4RVI
#
_entry.id   4RVI
#
_cell.length_a   58.960
_cell.length_b   64.730
_cell.length_c   100.740
_cell.angle_alpha   90.00
_cell.angle_beta   90.00
_cell.angle_gamma   90.00
#
_symmetry.space_group_name_H-M   'P 21 21 21'
#
loop_
_entity.id
_entity.type
_entity.pdbx_description
1 polymer 'HIV-1 protease'
2 non-polymer "(3R,3aS,3bR,6aS,7aS)-octahydrodifuro[2,3-b:3',2'-d]furan-3-yl [(1S,2R)-1-benzyl-2-hydroxy-3-{[(4-methoxyphenyl)sulfonyl](2-methylpropyl)amino}propyl]carbamate"
3 water water
#
_entity_poly.entity_id   1
_entity_poly.type   'polypeptide(L)'
_entity_poly.pdbx_seq_one_letter_code
;PQITLWQRPIVTIKVGGQLKEALLDTGADDTVLEDMELPGRYKPRMIGGIGGFVKVRQYDQIPIEICGHKVIGTVLVGPT
PTNIIGRNLMTQLGCTLNF
;
_entity_poly.pdbx_strand_id   A,B,C,D
#
# COMPACT_ATOMS: atom_id res chain seq x y z
N PRO A 1 7.52 -5.19 -15.28
CA PRO A 1 8.22 -5.46 -16.54
C PRO A 1 9.23 -4.38 -16.89
N GLN A 2 10.04 -4.65 -17.92
CA GLN A 2 10.91 -3.63 -18.48
C GLN A 2 10.29 -3.15 -19.78
N ILE A 3 9.98 -1.86 -19.85
CA ILE A 3 9.31 -1.36 -21.02
C ILE A 3 10.30 -0.58 -21.87
N THR A 4 10.33 -0.93 -23.15
CA THR A 4 11.22 -0.32 -24.11
C THR A 4 10.61 0.99 -24.57
N LEU A 5 11.43 1.88 -25.14
CA LEU A 5 10.88 3.13 -25.63
C LEU A 5 10.96 3.27 -27.15
N TRP A 6 11.20 2.15 -27.83
CA TRP A 6 11.15 2.10 -29.29
C TRP A 6 9.76 2.46 -29.79
N GLN A 7 8.77 2.00 -29.03
CA GLN A 7 7.37 2.29 -29.32
C GLN A 7 6.81 3.13 -28.18
N ARG A 8 5.65 3.75 -28.40
CA ARG A 8 4.94 4.42 -27.32
C ARG A 8 4.63 3.42 -26.21
N PRO A 9 4.91 3.79 -24.95
CA PRO A 9 4.59 2.85 -23.87
C PRO A 9 3.10 2.87 -23.50
N ILE A 10 2.30 2.14 -24.26
CA ILE A 10 0.86 2.08 -24.03
C ILE A 10 0.52 0.88 -23.18
N VAL A 11 -0.29 1.09 -22.14
CA VAL A 11 -0.78 0.01 -21.28
C VAL A 11 -2.30 0.03 -21.21
N THR A 12 -2.88 -1.10 -20.82
CA THR A 12 -4.31 -1.21 -20.60
C THR A 12 -4.59 -0.81 -19.17
N ILE A 13 -5.65 -0.03 -18.97
CA ILE A 13 -6.07 0.36 -17.63
C ILE A 13 -7.54 0.13 -17.45
N LYS A 14 -7.98 0.03 -16.20
CA LYS A 14 -9.39 -0.06 -15.90
C LYS A 14 -9.77 1.06 -14.95
N VAL A 15 -10.67 1.92 -15.40
CA VAL A 15 -11.11 3.06 -14.62
C VAL A 15 -12.59 3.33 -14.86
N GLY A 16 -13.32 3.56 -13.77
CA GLY A 16 -14.75 3.82 -13.83
C GLY A 16 -15.48 2.65 -14.45
N GLY A 17 -14.97 1.45 -14.22
CA GLY A 17 -15.55 0.24 -14.77
C GLY A 17 -15.20 0.01 -16.23
N GLN A 18 -14.44 0.93 -16.81
CA GLN A 18 -14.14 0.91 -18.24
C GLN A 18 -12.67 0.59 -18.51
N LEU A 19 -12.44 -0.24 -19.52
CA LEU A 19 -11.10 -0.52 -20.01
C LEU A 19 -10.68 0.55 -21.02
N LYS A 20 -9.45 1.01 -20.88
CA LYS A 20 -8.91 2.05 -21.76
C LYS A 20 -7.44 1.74 -22.05
N GLU A 21 -6.92 2.33 -23.13
CA GLU A 21 -5.47 2.32 -23.39
C GLU A 21 -4.91 3.66 -22.97
N ALA A 22 -3.74 3.65 -22.31
CA ALA A 22 -3.15 4.89 -21.83
C ALA A 22 -1.64 4.91 -22.00
N LEU A 23 -1.11 6.12 -22.13
CA LEU A 23 0.32 6.34 -22.34
C LEU A 23 1.06 6.58 -21.02
N LEU A 24 2.06 5.75 -20.72
CA LEU A 24 2.88 5.98 -19.55
C LEU A 24 3.81 7.19 -19.80
N ASP A 25 3.62 8.22 -19.01
CA ASP A 25 4.14 9.54 -19.35
C ASP A 25 4.91 10.17 -18.21
N THR A 26 6.23 10.00 -18.19
CA THR A 26 7.06 10.56 -17.12
C THR A 26 7.16 12.08 -17.17
N GLY A 27 6.74 12.68 -18.28
CA GLY A 27 6.75 14.12 -18.40
C GLY A 27 5.41 14.71 -17.98
N ALA A 28 4.52 13.86 -17.50
CA ALA A 28 3.21 14.30 -17.04
C ALA A 28 3.13 14.25 -15.53
N ASP A 29 2.97 15.41 -14.89
CA ASP A 29 2.74 15.46 -13.45
C ASP A 29 1.48 14.65 -13.10
N ASP A 30 0.45 14.82 -13.91
CA ASP A 30 -0.85 14.29 -13.57
C ASP A 30 -1.42 13.39 -14.66
N THR A 31 -2.38 12.58 -14.26
CA THR A 31 -3.04 11.63 -15.13
C THR A 31 -4.21 12.34 -15.79
N VAL A 32 -4.27 12.30 -17.12
CA VAL A 32 -5.27 13.04 -17.88
C VAL A 32 -5.95 12.13 -18.89
N LEU A 33 -7.26 11.99 -18.77
CA LEU A 33 -8.01 11.06 -19.59
C LEU A 33 -9.02 11.80 -20.45
N GLU A 34 -9.21 11.31 -21.67
CA GLU A 34 -10.23 11.82 -22.58
C GLU A 34 -11.59 11.72 -21.93
N ASP A 35 -12.48 12.61 -22.34
CA ASP A 35 -13.81 12.73 -21.76
C ASP A 35 -14.49 11.39 -21.45
N MET A 36 -14.90 11.24 -20.18
CA MET A 36 -15.61 10.06 -19.71
C MET A 36 -16.32 10.41 -18.41
N GLU A 37 -17.24 9.56 -17.99
CA GLU A 37 -17.89 9.78 -16.69
C GLU A 37 -17.20 8.98 -15.62
N LEU A 38 -17.14 9.59 -14.44
CA LEU A 38 -16.65 8.93 -13.24
C LEU A 38 -17.65 9.11 -12.10
N PRO A 39 -17.73 8.15 -11.17
CA PRO A 39 -18.77 8.20 -10.14
C PRO A 39 -18.34 8.96 -8.90
N GLY A 40 -17.91 10.19 -9.09
CA GLY A 40 -17.42 10.98 -7.99
C GLY A 40 -17.66 12.44 -8.29
N ARG A 41 -17.49 13.30 -7.29
CA ARG A 41 -17.64 14.72 -7.53
C ARG A 41 -16.35 15.21 -8.17
N TYR A 42 -16.40 16.39 -8.78
CA TYR A 42 -15.19 16.97 -9.38
C TYR A 42 -15.15 18.47 -9.21
N LYS A 43 -13.94 19.02 -9.37
CA LYS A 43 -13.70 20.46 -9.39
C LYS A 43 -13.03 20.83 -10.72
N PRO A 44 -13.24 22.06 -11.22
CA PRO A 44 -12.52 22.44 -12.44
C PRO A 44 -11.05 22.66 -12.14
N ARG A 45 -10.22 22.52 -13.16
CA ARG A 45 -8.78 22.76 -13.05
C ARG A 45 -8.27 23.11 -14.44
N MET A 46 -7.29 24.00 -14.49
CA MET A 46 -6.60 24.33 -15.73
C MET A 46 -5.25 23.61 -15.78
N ILE A 47 -5.03 22.86 -16.86
CA ILE A 47 -3.83 22.07 -17.00
C ILE A 47 -3.08 22.47 -18.28
N GLY A 48 -1.77 22.69 -18.17
CA GLY A 48 -1.02 23.30 -19.25
C GLY A 48 -0.09 22.35 -19.94
N GLY A 49 -0.15 22.32 -21.26
CA GLY A 49 0.72 21.44 -22.01
C GLY A 49 1.43 22.20 -23.12
N ILE A 50 1.89 21.48 -24.13
CA ILE A 50 2.71 22.08 -25.16
C ILE A 50 1.97 23.18 -25.92
N GLY A 51 0.66 23.03 -26.14
CA GLY A 51 -0.09 24.04 -26.86
C GLY A 51 -0.66 25.13 -25.96
N GLY A 52 -0.54 24.96 -24.66
CA GLY A 52 -1.12 25.91 -23.72
C GLY A 52 -2.04 25.17 -22.74
N PHE A 53 -3.03 25.89 -22.21
CA PHE A 53 -3.89 25.32 -21.17
C PHE A 53 -5.25 24.81 -21.68
N VAL A 54 -5.75 23.78 -21.02
CA VAL A 54 -7.12 23.31 -21.22
C VAL A 54 -7.84 23.17 -19.87
N LYS A 55 -9.14 23.38 -19.86
CA LYS A 55 -9.95 23.13 -18.67
C LYS A 55 -10.23 21.63 -18.49
N VAL A 56 -9.94 21.10 -17.30
CA VAL A 56 -10.28 19.70 -17.02
C VAL A 56 -11.21 19.57 -15.82
N ARG A 57 -11.71 18.35 -15.59
CA ARG A 57 -12.41 18.02 -14.35
C ARG A 57 -11.49 17.20 -13.48
N GLN A 58 -11.41 17.54 -12.21
CA GLN A 58 -10.48 16.87 -11.31
C GLN A 58 -11.21 15.95 -10.34
N TYR A 59 -11.07 14.64 -10.55
CA TYR A 59 -11.68 13.66 -9.64
C TYR A 59 -10.62 13.14 -8.69
N ASP A 60 -10.91 13.18 -7.39
CA ASP A 60 -9.91 12.83 -6.42
C ASP A 60 -10.06 11.39 -5.95
N GLN A 61 -8.93 10.77 -5.60
CA GLN A 61 -8.93 9.42 -5.03
C GLN A 61 -9.65 8.36 -5.87
N ILE A 62 -9.40 8.40 -7.19
CA ILE A 62 -9.99 7.48 -8.14
C ILE A 62 -9.18 6.19 -8.24
N PRO A 63 -9.82 5.04 -8.01
CA PRO A 63 -9.08 3.79 -8.18
C PRO A 63 -8.85 3.49 -9.67
N ILE A 64 -7.66 3.01 -9.99
CA ILE A 64 -7.33 2.62 -11.34
C ILE A 64 -6.50 1.35 -11.27
N GLU A 65 -6.78 0.36 -12.09
CA GLU A 65 -5.83 -0.74 -12.17
C GLU A 65 -5.01 -0.58 -13.44
N ILE A 66 -3.69 -0.69 -13.29
CA ILE A 66 -2.76 -0.54 -14.40
C ILE A 66 -1.89 -1.78 -14.49
N CYS A 67 -1.95 -2.50 -15.62
CA CYS A 67 -1.19 -3.73 -15.76
C CYS A 67 -1.39 -4.62 -14.56
N GLY A 68 -2.63 -4.75 -14.11
CA GLY A 68 -2.95 -5.56 -12.95
C GLY A 68 -2.44 -5.08 -11.60
N HIS A 69 -2.07 -3.80 -11.49
CA HIS A 69 -1.80 -3.20 -10.19
C HIS A 69 -2.86 -2.20 -9.82
N LYS A 70 -3.36 -2.32 -8.60
CA LYS A 70 -4.34 -1.40 -8.06
C LYS A 70 -3.67 -0.11 -7.55
N VAL A 71 -3.99 1.01 -8.19
CA VAL A 71 -3.53 2.30 -7.70
C VAL A 71 -4.71 3.24 -7.47
N ILE A 72 -4.48 4.30 -6.70
CA ILE A 72 -5.55 5.25 -6.41
C ILE A 72 -5.00 6.67 -6.37
N GLY A 73 -5.70 7.60 -7.00
CA GLY A 73 -5.28 8.98 -6.94
C GLY A 73 -6.10 9.90 -7.80
N THR A 74 -5.52 11.06 -8.06
CA THR A 74 -6.20 12.08 -8.81
C THR A 74 -6.26 11.76 -10.28
N VAL A 75 -7.44 11.88 -10.85
CA VAL A 75 -7.63 11.74 -12.30
C VAL A 75 -8.29 12.99 -12.84
N LEU A 76 -7.65 13.55 -13.86
CA LEU A 76 -8.16 14.70 -14.58
C LEU A 76 -8.81 14.20 -15.85
N VAL A 77 -9.98 14.76 -16.16
CA VAL A 77 -10.74 14.32 -17.32
C VAL A 77 -11.02 15.53 -18.19
N GLY A 78 -10.67 15.42 -19.46
CA GLY A 78 -10.95 16.49 -20.38
C GLY A 78 -10.37 16.30 -21.77
N PRO A 79 -10.31 17.40 -22.52
CA PRO A 79 -9.99 17.39 -23.94
C PRO A 79 -8.52 17.13 -24.21
N THR A 80 -8.00 16.01 -23.75
CA THR A 80 -6.63 15.64 -24.07
C THR A 80 -6.68 14.76 -25.30
N PRO A 81 -5.68 14.86 -26.18
CA PRO A 81 -5.75 14.05 -27.41
C PRO A 81 -5.53 12.57 -27.13
N THR A 82 -4.90 12.25 -26.02
CA THR A 82 -4.58 10.86 -25.68
C THR A 82 -4.66 10.65 -24.18
N ASN A 83 -5.05 9.47 -23.75
CA ASN A 83 -5.02 9.14 -22.32
C ASN A 83 -3.60 9.02 -21.83
N ILE A 84 -3.26 9.73 -20.76
CA ILE A 84 -1.90 9.67 -20.25
C ILE A 84 -1.87 9.37 -18.75
N ILE A 85 -0.96 8.48 -18.38
CA ILE A 85 -0.75 8.14 -16.99
C ILE A 85 0.44 8.94 -16.49
N GLY A 86 0.22 9.75 -15.46
CA GLY A 86 1.24 10.64 -14.96
C GLY A 86 2.01 10.08 -13.78
N ARG A 87 2.97 10.87 -13.32
CA ARG A 87 3.82 10.50 -12.19
C ARG A 87 3.02 10.22 -10.90
N ASN A 88 1.89 10.90 -10.72
CA ASN A 88 1.10 10.72 -9.50
C ASN A 88 0.66 9.27 -9.34
N LEU A 89 0.48 8.56 -10.46
CA LEU A 89 0.12 7.15 -10.40
C LEU A 89 1.33 6.23 -10.65
N MET A 90 2.25 6.64 -11.51
CA MET A 90 3.42 5.78 -11.77
C MET A 90 4.32 5.58 -10.53
N THR A 91 4.37 6.58 -9.66
CA THR A 91 5.09 6.45 -8.40
C THR A 91 4.49 5.33 -7.53
N GLN A 92 3.19 5.07 -7.73
CA GLN A 92 2.51 4.03 -6.97
C GLN A 92 2.83 2.66 -7.52
N LEU A 93 3.24 2.60 -8.78
CA LEU A 93 3.68 1.34 -9.37
C LEU A 93 5.15 1.02 -9.06
N GLY A 94 5.87 2.00 -8.53
CA GLY A 94 7.31 1.87 -8.37
C GLY A 94 8.06 2.07 -9.68
N CYS A 95 7.44 2.78 -10.62
CA CYS A 95 8.08 3.09 -11.90
C CYS A 95 9.37 3.91 -11.77
N THR A 96 10.44 3.42 -12.39
CA THR A 96 11.67 4.18 -12.54
C THR A 96 12.09 4.25 -14.01
N LEU A 97 12.76 5.34 -14.36
CA LEU A 97 13.48 5.44 -15.61
C LEU A 97 14.89 4.91 -15.39
N ASN A 98 15.39 4.07 -16.30
CA ASN A 98 16.70 3.49 -16.11
C ASN A 98 17.57 3.60 -17.36
N PHE A 99 18.80 4.07 -17.18
CA PHE A 99 19.78 4.03 -18.26
C PHE A 99 21.21 4.13 -17.73
N PRO B 1 21.95 5.72 -14.50
CA PRO B 1 21.04 6.37 -13.57
C PRO B 1 19.77 5.58 -13.35
N GLN B 2 19.23 5.63 -12.14
CA GLN B 2 17.89 5.16 -11.90
C GLN B 2 17.08 6.34 -11.37
N ILE B 3 16.07 6.72 -12.13
CA ILE B 3 15.33 7.94 -11.85
C ILE B 3 13.92 7.61 -11.40
N THR B 4 13.66 7.93 -10.15
CA THR B 4 12.36 7.75 -9.54
C THR B 4 11.48 8.93 -9.94
N LEU B 5 10.18 8.81 -9.78
CA LEU B 5 9.30 9.82 -10.35
C LEU B 5 8.53 10.64 -9.32
N TRP B 6 9.01 10.64 -8.08
CA TRP B 6 8.44 11.52 -7.05
C TRP B 6 8.61 12.99 -7.43
N GLN B 7 9.71 13.29 -8.10
CA GLN B 7 9.96 14.61 -8.64
C GLN B 7 9.92 14.53 -10.16
N ARG B 8 9.82 15.67 -10.83
CA ARG B 8 9.99 15.71 -12.28
C ARG B 8 11.36 15.15 -12.62
N PRO B 9 11.42 14.28 -13.65
CA PRO B 9 12.69 13.69 -14.10
C PRO B 9 13.46 14.67 -14.99
N ILE B 10 13.88 15.76 -14.35
CA ILE B 10 14.65 16.81 -15.02
C ILE B 10 16.14 16.45 -14.97
N VAL B 11 16.79 16.43 -16.11
CA VAL B 11 18.22 16.15 -16.15
C VAL B 11 18.98 17.35 -16.73
N THR B 12 20.29 17.40 -16.49
CA THR B 12 21.12 18.44 -17.08
C THR B 12 21.52 18.04 -18.49
N ILE B 13 21.33 18.94 -19.46
CA ILE B 13 21.80 18.67 -20.81
C ILE B 13 22.76 19.77 -21.27
N LYS B 14 23.63 19.41 -22.21
CA LYS B 14 24.64 20.32 -22.73
C LYS B 14 24.44 20.45 -24.24
N VAL B 15 24.11 21.66 -24.67
CA VAL B 15 23.88 21.95 -26.07
C VAL B 15 24.87 23.01 -26.54
N GLY B 16 25.93 22.57 -27.21
CA GLY B 16 26.94 23.49 -27.73
C GLY B 16 27.48 24.50 -26.72
N GLY B 17 27.96 24.01 -25.59
CA GLY B 17 28.50 24.90 -24.58
C GLY B 17 27.48 25.52 -23.63
N GLN B 18 26.19 25.35 -23.92
CA GLN B 18 25.15 25.79 -23.01
C GLN B 18 24.62 24.62 -22.18
N LEU B 19 24.50 24.83 -20.88
CA LEU B 19 23.86 23.85 -20.04
C LEU B 19 22.41 24.28 -19.88
N LYS B 20 21.52 23.31 -19.91
CA LYS B 20 20.08 23.54 -19.80
C LYS B 20 19.47 22.46 -18.95
N GLU B 21 18.23 22.67 -18.54
CA GLU B 21 17.44 21.63 -17.90
C GLU B 21 16.45 21.06 -18.91
N ALA B 22 16.20 19.75 -18.85
CA ALA B 22 15.21 19.16 -19.73
C ALA B 22 14.54 17.98 -19.04
N LEU B 23 13.24 17.85 -19.33
CA LEU B 23 12.40 16.81 -18.81
C LEU B 23 12.54 15.53 -19.62
N LEU B 24 12.92 14.44 -18.96
CA LEU B 24 12.89 13.11 -19.56
C LEU B 24 11.44 12.67 -19.74
N ASP B 25 11.00 12.50 -20.97
CA ASP B 25 9.57 12.45 -21.23
C ASP B 25 9.13 11.28 -22.12
N THR B 26 8.67 10.20 -21.50
CA THR B 26 8.30 9.00 -22.25
C THR B 26 7.01 9.21 -23.06
N GLY B 27 6.27 10.25 -22.72
CA GLY B 27 5.05 10.60 -23.42
C GLY B 27 5.30 11.44 -24.67
N ALA B 28 6.57 11.77 -24.91
CA ALA B 28 6.92 12.59 -26.06
C ALA B 28 7.63 11.74 -27.10
N ASP B 29 7.09 11.65 -28.32
CA ASP B 29 7.77 10.93 -29.41
C ASP B 29 9.09 11.62 -29.74
N ASP B 30 9.08 12.94 -29.68
CA ASP B 30 10.20 13.72 -30.14
C ASP B 30 10.73 14.69 -29.09
N THR B 31 11.92 15.22 -29.33
CA THR B 31 12.56 16.14 -28.40
C THR B 31 12.23 17.56 -28.82
N VAL B 32 11.66 18.34 -27.92
CA VAL B 32 11.36 19.74 -28.20
C VAL B 32 12.12 20.62 -27.22
N LEU B 33 12.86 21.58 -27.76
CA LEU B 33 13.64 22.49 -26.94
C LEU B 33 13.05 23.89 -27.07
N GLU B 34 13.14 24.68 -26.00
CA GLU B 34 12.64 26.06 -26.04
C GLU B 34 13.41 26.83 -27.11
N ASP B 35 12.85 27.94 -27.57
CA ASP B 35 13.41 28.67 -28.70
C ASP B 35 14.89 28.96 -28.46
N MET B 36 15.71 28.54 -29.44
CA MET B 36 17.15 28.74 -29.43
C MET B 36 17.71 28.55 -30.82
N GLU B 37 19.00 28.84 -30.96
CA GLU B 37 19.67 28.81 -32.24
C GLU B 37 20.42 27.50 -32.43
N LEU B 38 20.10 26.81 -33.52
CA LEU B 38 20.75 25.57 -33.88
C LEU B 38 21.25 25.67 -35.30
N PRO B 39 22.31 24.92 -35.62
CA PRO B 39 22.90 24.81 -36.96
C PRO B 39 22.03 24.06 -37.94
N GLY B 40 22.18 24.35 -39.22
CA GLY B 40 21.61 23.52 -40.26
C GLY B 40 20.36 24.09 -40.87
N ARG B 41 19.91 23.46 -41.96
CA ARG B 41 18.67 23.86 -42.58
C ARG B 41 17.53 23.12 -41.89
N TYR B 42 16.41 23.82 -41.69
CA TYR B 42 15.33 23.25 -40.88
C TYR B 42 14.01 23.18 -41.65
N LYS B 43 13.21 22.17 -41.33
CA LYS B 43 11.86 22.09 -41.85
C LYS B 43 10.90 22.61 -40.79
N PRO B 44 10.09 23.60 -41.16
CA PRO B 44 9.04 23.99 -40.22
C PRO B 44 8.07 22.83 -40.08
N ARG B 45 7.62 22.57 -38.87
CA ARG B 45 6.64 21.53 -38.63
C ARG B 45 5.57 22.01 -37.64
N MET B 46 4.49 21.23 -37.57
CA MET B 46 3.44 21.35 -36.57
C MET B 46 3.51 20.24 -35.57
N ILE B 47 3.47 20.58 -34.29
CA ILE B 47 3.54 19.55 -33.27
C ILE B 47 2.41 19.78 -32.25
N GLY B 48 1.66 18.72 -31.95
CA GLY B 48 0.45 18.85 -31.17
C GLY B 48 0.51 18.26 -29.78
N GLY B 49 -0.04 18.98 -28.81
CA GLY B 49 -0.04 18.51 -27.44
C GLY B 49 -1.37 18.66 -26.76
N ILE B 50 -1.34 18.68 -25.44
CA ILE B 50 -2.53 18.83 -24.63
C ILE B 50 -3.39 20.02 -25.05
N GLY B 51 -2.75 21.16 -25.26
CA GLY B 51 -3.49 22.36 -25.56
C GLY B 51 -3.47 22.76 -27.02
N GLY B 52 -3.35 21.76 -27.89
CA GLY B 52 -3.37 22.03 -29.32
C GLY B 52 -1.98 22.00 -29.93
N PHE B 53 -1.82 22.68 -31.05
CA PHE B 53 -0.62 22.57 -31.87
C PHE B 53 0.29 23.77 -31.74
N VAL B 54 1.60 23.55 -31.76
CA VAL B 54 2.50 24.68 -31.88
C VAL B 54 3.45 24.45 -33.01
N LYS B 55 4.01 25.53 -33.55
CA LYS B 55 4.89 25.38 -34.67
C LYS B 55 6.30 25.29 -34.17
N VAL B 56 7.08 24.44 -34.82
CA VAL B 56 8.44 24.16 -34.40
C VAL B 56 9.35 24.15 -35.62
N ARG B 57 10.64 24.40 -35.40
CA ARG B 57 11.65 24.18 -36.43
C ARG B 57 12.35 22.86 -36.15
N GLN B 58 12.29 21.93 -37.10
CA GLN B 58 12.98 20.66 -36.95
C GLN B 58 14.43 20.75 -37.39
N TYR B 59 15.36 20.37 -36.53
CA TYR B 59 16.76 20.34 -36.91
C TYR B 59 17.30 18.93 -36.81
N ASP B 60 18.15 18.52 -37.75
CA ASP B 60 18.63 17.15 -37.72
C ASP B 60 20.07 17.03 -37.25
N GLN B 61 20.40 15.85 -36.71
CA GLN B 61 21.77 15.47 -36.34
C GLN B 61 22.40 16.44 -35.35
N ILE B 62 21.61 16.87 -34.36
CA ILE B 62 22.11 17.80 -33.35
C ILE B 62 22.83 17.07 -32.20
N PRO B 63 24.13 17.37 -32.02
CA PRO B 63 24.84 16.79 -30.88
C PRO B 63 24.34 17.41 -29.59
N ILE B 64 23.96 16.54 -28.66
CA ILE B 64 23.54 16.91 -27.32
C ILE B 64 24.16 15.94 -26.35
N GLU B 65 24.69 16.44 -25.24
CA GLU B 65 25.04 15.55 -24.15
C GLU B 65 23.93 15.57 -23.10
N ILE B 66 23.34 14.42 -22.85
CA ILE B 66 22.37 14.25 -21.77
C ILE B 66 23.04 13.46 -20.67
N CYS B 67 23.11 14.05 -19.48
CA CYS B 67 23.59 13.28 -18.35
C CYS B 67 25.00 12.74 -18.50
N GLY B 68 25.84 13.44 -19.24
CA GLY B 68 27.18 12.97 -19.50
C GLY B 68 27.24 12.05 -20.74
N HIS B 69 26.08 11.55 -21.15
CA HIS B 69 26.02 10.67 -22.31
C HIS B 69 25.75 11.44 -23.60
N LYS B 70 26.56 11.14 -24.60
CA LYS B 70 26.46 11.77 -25.91
C LYS B 70 25.34 11.18 -26.77
N VAL B 71 24.44 12.02 -27.29
CA VAL B 71 23.47 11.58 -28.30
C VAL B 71 23.52 12.51 -29.51
N ILE B 72 23.06 12.02 -30.65
CA ILE B 72 22.96 12.84 -31.86
C ILE B 72 21.70 12.51 -32.63
N GLY B 73 20.78 13.45 -32.72
CA GLY B 73 19.57 13.19 -33.46
C GLY B 73 18.74 14.42 -33.66
N THR B 74 17.46 14.20 -33.91
CA THR B 74 16.58 15.27 -34.28
C THR B 74 16.12 16.01 -33.03
N VAL B 75 16.09 17.34 -33.17
CA VAL B 75 15.61 18.23 -32.13
C VAL B 75 14.62 19.18 -32.74
N LEU B 76 13.48 19.36 -32.08
CA LEU B 76 12.48 20.33 -32.50
C LEU B 76 12.60 21.58 -31.64
N VAL B 77 12.53 22.75 -32.26
CA VAL B 77 12.66 24.00 -31.52
C VAL B 77 11.42 24.87 -31.70
N GLY B 78 10.86 25.32 -30.58
CA GLY B 78 9.67 26.14 -30.62
C GLY B 78 9.20 26.57 -29.24
N PRO B 79 7.96 27.11 -29.17
CA PRO B 79 7.35 27.63 -27.94
C PRO B 79 6.83 26.54 -27.01
N THR B 80 7.71 25.66 -26.53
CA THR B 80 7.34 24.68 -25.54
C THR B 80 7.49 25.30 -24.15
N PRO B 81 6.65 24.89 -23.19
CA PRO B 81 6.74 25.31 -21.78
C PRO B 81 8.02 24.86 -21.07
N THR B 82 8.58 23.73 -21.48
CA THR B 82 9.83 23.22 -20.90
C THR B 82 10.58 22.42 -21.93
N ASN B 83 11.89 22.37 -21.80
CA ASN B 83 12.67 21.51 -22.65
C ASN B 83 12.28 20.09 -22.35
N ILE B 84 12.00 19.31 -23.39
CA ILE B 84 11.63 17.93 -23.17
C ILE B 84 12.50 17.00 -24.03
N ILE B 85 13.03 15.96 -23.41
CA ILE B 85 13.73 14.92 -24.16
C ILE B 85 12.71 13.83 -24.50
N GLY B 86 12.52 13.58 -25.78
CA GLY B 86 11.55 12.60 -26.22
C GLY B 86 12.18 11.24 -26.46
N ARG B 87 11.34 10.28 -26.84
CA ARG B 87 11.77 8.91 -27.03
C ARG B 87 12.88 8.80 -28.10
N ASN B 88 12.83 9.63 -29.14
CA ASN B 88 13.85 9.59 -30.20
C ASN B 88 15.26 9.70 -29.63
N LEU B 89 15.43 10.44 -28.54
CA LEU B 89 16.73 10.55 -27.88
C LEU B 89 16.89 9.63 -26.67
N MET B 90 15.80 9.31 -25.98
CA MET B 90 15.88 8.42 -24.83
C MET B 90 16.27 7.02 -25.27
N THR B 91 15.88 6.62 -26.49
CA THR B 91 16.34 5.33 -27.00
C THR B 91 17.86 5.35 -27.20
N GLN B 92 18.42 6.50 -27.60
CA GLN B 92 19.87 6.58 -27.77
C GLN B 92 20.58 6.44 -26.42
N LEU B 93 19.94 6.90 -25.37
CA LEU B 93 20.46 6.74 -24.01
C LEU B 93 20.31 5.31 -23.54
N GLY B 94 19.44 4.56 -24.20
CA GLY B 94 19.08 3.24 -23.72
C GLY B 94 18.15 3.30 -22.51
N CYS B 95 17.33 4.34 -22.40
CA CYS B 95 16.34 4.41 -21.31
C CYS B 95 15.27 3.36 -21.42
N THR B 96 14.94 2.74 -20.29
CA THR B 96 13.73 1.94 -20.25
C THR B 96 12.87 2.38 -19.05
N LEU B 97 11.60 2.02 -19.09
CA LEU B 97 10.72 2.14 -17.95
C LEU B 97 10.66 0.81 -17.21
N ASN B 98 10.74 0.88 -15.89
CA ASN B 98 10.81 -0.35 -15.13
C ASN B 98 9.88 -0.34 -13.93
N PHE B 99 9.04 -1.38 -13.83
CA PHE B 99 8.24 -1.61 -12.62
C PHE B 99 7.84 -3.07 -12.54
N PRO C 1 -3.03 -31.01 27.48
CA PRO C 1 -2.41 -31.32 26.19
C PRO C 1 -1.42 -30.25 25.75
N GLN C 2 -0.87 -30.42 24.56
CA GLN C 2 0.00 -29.41 23.97
C GLN C 2 -0.55 -28.98 22.62
N ILE C 3 -0.98 -27.72 22.55
CA ILE C 3 -1.66 -27.24 21.37
C ILE C 3 -0.71 -26.45 20.48
N THR C 4 -0.64 -26.86 19.21
CA THR C 4 0.20 -26.26 18.19
C THR C 4 -0.39 -24.91 17.79
N LEU C 5 0.42 -24.03 17.22
CA LEU C 5 -0.10 -22.75 16.78
C LEU C 5 -0.03 -22.63 15.26
N TRP C 6 0.24 -23.75 14.61
CA TRP C 6 0.22 -23.80 13.15
C TRP C 6 -1.17 -23.45 12.63
N GLN C 7 -2.19 -23.85 13.39
CA GLN C 7 -3.58 -23.55 13.07
C GLN C 7 -4.15 -22.71 14.22
N ARG C 8 -5.32 -22.12 14.02
CA ARG C 8 -6.03 -21.49 15.14
C ARG C 8 -6.35 -22.52 16.22
N PRO C 9 -6.07 -22.19 17.50
CA PRO C 9 -6.40 -23.08 18.63
C PRO C 9 -7.87 -23.01 18.99
N ILE C 10 -8.69 -23.71 18.21
CA ILE C 10 -10.13 -23.73 18.38
C ILE C 10 -10.51 -24.93 19.25
N VAL C 11 -11.44 -24.70 20.17
CA VAL C 11 -11.91 -25.76 21.08
C VAL C 11 -13.44 -25.75 21.16
N THR C 12 -14.01 -26.86 21.59
CA THR C 12 -15.43 -26.97 21.76
C THR C 12 -15.77 -26.57 23.18
N ILE C 13 -16.79 -25.73 23.34
CA ILE C 13 -17.22 -25.36 24.68
C ILE C 13 -18.71 -25.63 24.84
N LYS C 14 -19.13 -25.72 26.08
CA LYS C 14 -20.54 -25.78 26.39
C LYS C 14 -20.86 -24.67 27.37
N VAL C 15 -21.86 -23.88 27.01
CA VAL C 15 -22.25 -22.71 27.76
C VAL C 15 -23.73 -22.43 27.50
N GLY C 16 -24.50 -22.15 28.57
CA GLY C 16 -25.93 -21.95 28.45
C GLY C 16 -26.66 -23.11 27.77
N GLY C 17 -26.12 -24.32 27.94
CA GLY C 17 -26.73 -25.52 27.39
C GLY C 17 -26.44 -25.73 25.92
N GLN C 18 -25.54 -24.90 25.38
CA GLN C 18 -25.24 -24.92 23.96
C GLN C 18 -23.77 -25.24 23.72
N LEU C 19 -23.52 -26.10 22.73
CA LEU C 19 -22.18 -26.37 22.25
C LEU C 19 -21.78 -25.29 21.26
N LYS C 20 -20.56 -24.77 21.43
CA LYS C 20 -20.01 -23.76 20.52
C LYS C 20 -18.56 -24.07 20.21
N GLU C 21 -18.05 -23.47 19.15
CA GLU C 21 -16.61 -23.48 18.89
C GLU C 21 -16.03 -22.15 19.32
N ALA C 22 -14.87 -22.17 19.97
CA ALA C 22 -14.26 -20.91 20.43
C ALA C 22 -12.75 -20.91 20.29
N LEU C 23 -12.19 -19.71 20.17
CA LEU C 23 -10.75 -19.54 20.00
C LEU C 23 -10.00 -19.31 21.32
N LEU C 24 -9.00 -20.14 21.62
CA LEU C 24 -8.16 -19.91 22.81
C LEU C 24 -7.26 -18.71 22.54
N ASP C 25 -7.57 -17.59 23.19
CA ASP C 25 -7.03 -16.29 22.84
C ASP C 25 -6.23 -15.64 24.00
N THR C 26 -4.91 -15.83 24.04
CA THR C 26 -4.10 -15.26 25.12
C THR C 26 -3.97 -13.74 25.06
N GLY C 27 -4.34 -13.16 23.93
CA GLY C 27 -4.35 -11.71 23.78
C GLY C 27 -5.66 -11.09 24.27
N ALA C 28 -6.58 -11.93 24.76
CA ALA C 28 -7.88 -11.45 25.20
C ALA C 28 -7.99 -11.53 26.72
N ASP C 29 -8.18 -10.38 27.39
CA ASP C 29 -8.30 -10.39 28.85
C ASP C 29 -9.52 -11.19 29.27
N ASP C 30 -10.58 -11.04 28.48
CA ASP C 30 -11.89 -11.51 28.83
C ASP C 30 -12.45 -12.45 27.76
N THR C 31 -13.45 -13.22 28.15
CA THR C 31 -14.06 -14.18 27.25
C THR C 31 -15.25 -13.51 26.59
N VAL C 32 -15.31 -13.59 25.26
CA VAL C 32 -16.34 -12.88 24.50
C VAL C 32 -16.99 -13.79 23.47
N LEU C 33 -18.31 -13.96 23.60
CA LEU C 33 -19.07 -14.85 22.74
C LEU C 33 -20.03 -14.06 21.86
N GLU C 34 -20.27 -14.58 20.66
CA GLU C 34 -21.27 -14.05 19.76
C GLU C 34 -22.65 -14.14 20.38
N ASP C 35 -23.55 -13.28 19.91
CA ASP C 35 -24.88 -13.12 20.51
C ASP C 35 -25.57 -14.45 20.83
N MET C 36 -25.96 -14.58 22.08
CA MET C 36 -26.65 -15.75 22.58
C MET C 36 -27.33 -15.37 23.86
N GLU C 37 -28.27 -16.20 24.28
CA GLU C 37 -28.98 -15.97 25.52
C GLU C 37 -28.36 -16.81 26.64
N LEU C 38 -28.24 -16.22 27.82
CA LEU C 38 -27.71 -16.92 28.98
C LEU C 38 -28.65 -16.73 30.16
N PRO C 39 -28.73 -17.74 31.06
CA PRO C 39 -29.74 -17.76 32.13
C PRO C 39 -29.36 -16.91 33.33
N GLY C 40 -29.04 -15.65 33.07
CA GLY C 40 -28.54 -14.77 34.11
C GLY C 40 -28.85 -13.33 33.77
N ARG C 41 -28.82 -12.48 34.78
CA ARG C 41 -28.84 -11.05 34.57
C ARG C 41 -27.49 -10.60 34.01
N TYR C 42 -27.49 -9.46 33.34
CA TYR C 42 -26.26 -8.90 32.82
C TYR C 42 -26.18 -7.41 33.07
N LYS C 43 -24.99 -6.87 32.85
CA LYS C 43 -24.75 -5.43 32.89
C LYS C 43 -24.05 -5.08 31.58
N PRO C 44 -24.31 -3.87 31.05
CA PRO C 44 -23.56 -3.38 29.89
C PRO C 44 -22.08 -3.21 30.18
N ARG C 45 -21.27 -3.36 29.15
CA ARG C 45 -19.85 -3.15 29.28
C ARG C 45 -19.30 -2.72 27.91
N MET C 46 -18.31 -1.82 27.91
CA MET C 46 -17.63 -1.45 26.68
C MET C 46 -16.31 -2.22 26.60
N ILE C 47 -16.13 -2.98 25.53
CA ILE C 47 -14.93 -3.79 25.36
C ILE C 47 -14.18 -3.34 24.11
N GLY C 48 -12.88 -3.14 24.25
CA GLY C 48 -12.05 -2.62 23.17
C GLY C 48 -11.55 -3.78 22.35
N GLY C 49 -10.91 -3.48 21.25
CA GLY C 49 -10.38 -4.49 20.37
C GLY C 49 -9.60 -3.76 19.32
N ILE C 50 -9.14 -4.48 18.31
CA ILE C 50 -8.28 -3.86 17.31
C ILE C 50 -9.02 -2.78 16.52
N GLY C 51 -10.33 -2.91 16.34
CA GLY C 51 -11.08 -1.90 15.61
C GLY C 51 -11.71 -0.79 16.45
N GLY C 52 -11.56 -0.86 17.77
CA GLY C 52 -12.21 0.10 18.65
C GLY C 52 -13.07 -0.62 19.68
N PHE C 53 -14.05 0.08 20.24
CA PHE C 53 -14.91 -0.51 21.27
C PHE C 53 -16.27 -1.00 20.76
N VAL C 54 -16.77 -2.07 21.38
CA VAL C 54 -18.16 -2.50 21.15
C VAL C 54 -18.86 -2.68 22.49
N LYS C 55 -20.17 -2.47 22.52
CA LYS C 55 -20.90 -2.69 23.75
C LYS C 55 -21.29 -4.18 23.85
N VAL C 56 -21.09 -4.76 25.03
CA VAL C 56 -21.48 -6.14 25.24
C VAL C 56 -22.31 -6.29 26.50
N ARG C 57 -22.82 -7.51 26.72
CA ARG C 57 -23.51 -7.83 27.96
C ARG C 57 -22.56 -8.65 28.82
N GLN C 58 -22.46 -8.25 30.07
CA GLN C 58 -21.57 -8.95 30.98
C GLN C 58 -22.38 -9.84 31.90
N TYR C 59 -22.15 -11.15 31.79
CA TYR C 59 -22.75 -12.15 32.70
C TYR C 59 -21.67 -12.66 33.63
N ASP C 60 -21.95 -12.67 34.92
CA ASP C 60 -20.93 -13.04 35.89
C ASP C 60 -21.11 -14.48 36.41
N GLN C 61 -20.01 -15.10 36.82
CA GLN C 61 -20.07 -16.45 37.39
C GLN C 61 -20.78 -17.46 36.48
N ILE C 62 -20.55 -17.35 35.18
CA ILE C 62 -21.10 -18.30 34.23
C ILE C 62 -20.25 -19.58 34.20
N PRO C 63 -20.90 -20.74 34.39
CA PRO C 63 -20.18 -22.00 34.23
C PRO C 63 -19.94 -22.32 32.75
N ILE C 64 -18.71 -22.71 32.42
CA ILE C 64 -18.40 -23.10 31.06
C ILE C 64 -17.66 -24.41 31.07
N GLU C 65 -18.00 -25.29 30.14
CA GLU C 65 -17.28 -26.52 29.95
C GLU C 65 -16.30 -26.35 28.79
N ILE C 66 -14.99 -26.38 29.06
CA ILE C 66 -13.96 -26.26 28.02
C ILE C 66 -13.10 -27.53 27.93
N CYS C 67 -13.20 -28.27 26.83
CA CYS C 67 -12.46 -29.53 26.68
C CYS C 67 -12.61 -30.45 27.90
N GLY C 68 -13.84 -30.75 28.28
CA GLY C 68 -14.08 -31.63 29.42
C GLY C 68 -13.55 -31.08 30.74
N HIS C 69 -13.39 -29.77 30.81
CA HIS C 69 -12.99 -29.09 32.04
C HIS C 69 -13.99 -28.00 32.40
N LYS C 70 -14.57 -28.13 33.59
CA LYS C 70 -15.53 -27.19 34.13
C LYS C 70 -14.82 -25.92 34.63
N VAL C 71 -15.17 -24.77 34.07
CA VAL C 71 -14.66 -23.52 34.62
C VAL C 71 -15.83 -22.55 34.85
N ILE C 72 -15.58 -21.52 35.64
CA ILE C 72 -16.61 -20.54 35.94
C ILE C 72 -15.98 -19.15 36.01
N GLY C 73 -16.66 -18.17 35.42
CA GLY C 73 -16.18 -16.81 35.42
C GLY C 73 -17.08 -15.91 34.60
N THR C 74 -16.57 -14.72 34.33
CA THR C 74 -17.30 -13.72 33.57
C THR C 74 -17.32 -14.07 32.09
N VAL C 75 -18.49 -13.92 31.49
CA VAL C 75 -18.64 -14.10 30.06
C VAL C 75 -19.29 -12.86 29.49
N LEU C 76 -18.67 -12.31 28.45
CA LEU C 76 -19.21 -11.16 27.73
C LEU C 76 -19.88 -11.63 26.45
N VAL C 77 -21.03 -11.03 26.13
CA VAL C 77 -21.79 -11.46 24.97
C VAL C 77 -22.13 -10.27 24.09
N GLY C 78 -21.77 -10.37 22.82
CA GLY C 78 -22.08 -9.31 21.89
C GLY C 78 -21.41 -9.48 20.55
N PRO C 79 -21.39 -8.40 19.75
CA PRO C 79 -20.92 -8.36 18.37
C PRO C 79 -19.42 -8.61 18.26
N THR C 80 -19.00 -9.83 18.55
CA THR C 80 -17.64 -10.22 18.26
C THR C 80 -17.73 -11.06 17.01
N PRO C 81 -16.68 -11.02 16.17
CA PRO C 81 -16.75 -11.82 14.95
C PRO C 81 -16.53 -13.30 15.22
N THR C 82 -15.85 -13.62 16.31
CA THR C 82 -15.60 -15.02 16.66
C THR C 82 -15.71 -15.20 18.16
N ASN C 83 -16.19 -16.37 18.57
CA ASN C 83 -16.16 -16.69 19.98
C ASN C 83 -14.71 -16.77 20.45
N ILE C 84 -14.36 -16.04 21.49
CA ILE C 84 -12.99 -16.15 22.02
C ILE C 84 -13.02 -16.49 23.49
N ILE C 85 -12.07 -17.33 23.90
CA ILE C 85 -11.91 -17.70 25.29
C ILE C 85 -10.73 -16.89 25.82
N GLY C 86 -11.01 -16.02 26.79
CA GLY C 86 -9.99 -15.15 27.34
C GLY C 86 -9.17 -15.73 28.49
N ARG C 87 -8.21 -14.95 28.97
CA ARG C 87 -7.32 -15.36 30.05
C ARG C 87 -8.08 -15.61 31.36
N ASN C 88 -9.19 -14.92 31.56
CA ASN C 88 -9.96 -15.08 32.78
C ASN C 88 -10.40 -16.53 32.96
N LEU C 89 -10.60 -17.25 31.85
CA LEU C 89 -10.97 -18.66 31.92
C LEU C 89 -9.79 -19.59 31.65
N MET C 90 -8.86 -19.18 30.79
CA MET C 90 -7.70 -20.02 30.51
C MET C 90 -6.81 -20.23 31.74
N THR C 91 -6.77 -19.25 32.63
CA THR C 91 -6.05 -19.37 33.90
C THR C 91 -6.59 -20.51 34.76
N GLN C 92 -7.89 -20.76 34.69
CA GLN C 92 -8.50 -21.79 35.53
C GLN C 92 -8.18 -23.16 34.97
N LEU C 93 -7.85 -23.22 33.69
CA LEU C 93 -7.41 -24.46 33.05
C LEU C 93 -5.93 -24.77 33.31
N GLY C 94 -5.19 -23.81 33.83
CA GLY C 94 -3.75 -23.96 33.99
C GLY C 94 -2.99 -23.76 32.68
N CYS C 95 -3.63 -23.10 31.71
CA CYS C 95 -3.00 -22.79 30.43
C CYS C 95 -1.72 -21.95 30.54
N THR C 96 -0.67 -22.41 29.87
CA THR C 96 0.57 -21.62 29.76
C THR C 96 1.05 -21.52 28.30
N LEU C 97 1.85 -20.50 28.02
CA LEU C 97 2.60 -20.42 26.77
C LEU C 97 4.02 -20.92 27.00
N ASN C 98 4.53 -21.72 26.08
CA ASN C 98 5.83 -22.35 26.24
C ASN C 98 6.67 -22.23 24.97
N PHE C 99 7.91 -21.75 25.10
CA PHE C 99 8.84 -21.74 23.96
C PHE C 99 10.29 -21.64 24.41
N PRO D 1 11.03 -19.85 27.70
CA PRO D 1 10.40 -19.77 29.03
C PRO D 1 9.01 -20.37 29.05
N GLN D 2 8.40 -20.38 30.23
CA GLN D 2 7.02 -20.81 30.36
C GLN D 2 6.21 -19.65 30.91
N ILE D 3 5.15 -19.27 30.21
CA ILE D 3 4.44 -18.07 30.60
C ILE D 3 2.99 -18.34 30.99
N THR D 4 2.71 -17.97 32.22
CA THR D 4 1.39 -18.01 32.81
C THR D 4 0.46 -16.88 32.31
N LEU D 5 -0.85 -17.03 32.47
CA LEU D 5 -1.76 -16.04 31.91
C LEU D 5 -2.55 -15.20 32.94
N TRP D 6 -2.11 -15.18 34.19
CA TRP D 6 -2.75 -14.31 35.19
C TRP D 6 -2.65 -12.84 34.78
N GLN D 7 -1.59 -12.46 34.08
CA GLN D 7 -1.57 -11.15 33.43
C GLN D 7 -1.31 -11.29 31.96
N ARG D 8 -1.40 -10.17 31.29
CA ARG D 8 -1.14 -10.10 29.88
C ARG D 8 0.25 -10.66 29.61
N PRO D 9 0.35 -11.57 28.62
CA PRO D 9 1.61 -12.17 28.20
C PRO D 9 2.43 -11.20 27.34
N ILE D 10 2.91 -10.15 27.99
CA ILE D 10 3.68 -9.08 27.37
C ILE D 10 5.16 -9.42 27.39
N VAL D 11 5.82 -9.32 26.23
CA VAL D 11 7.26 -9.55 26.16
C VAL D 11 7.97 -8.35 25.53
N THR D 12 9.27 -8.22 25.78
CA THR D 12 10.00 -7.14 25.17
C THR D 12 10.46 -7.61 23.80
N ILE D 13 10.21 -6.79 22.78
CA ILE D 13 10.73 -7.12 21.46
C ILE D 13 11.72 -6.06 21.01
N LYS D 14 12.53 -6.40 20.02
CA LYS D 14 13.54 -5.48 19.51
C LYS D 14 13.37 -5.37 18.02
N VAL D 15 13.05 -4.17 17.55
CA VAL D 15 12.90 -3.98 16.13
C VAL D 15 13.82 -2.84 15.70
N GLY D 16 14.87 -3.21 14.96
CA GLY D 16 15.82 -2.26 14.39
C GLY D 16 16.26 -1.15 15.31
N GLY D 17 16.76 -1.51 16.48
CA GLY D 17 17.21 -0.47 17.40
C GLY D 17 16.30 -0.18 18.56
N GLN D 18 14.99 -0.30 18.33
CA GLN D 18 14.02 0.05 19.34
C GLN D 18 13.57 -1.16 20.14
N LEU D 19 13.50 -1.00 21.45
CA LEU D 19 12.86 -1.98 22.29
C LEU D 19 11.40 -1.58 22.46
N LYS D 20 10.51 -2.56 22.34
CA LYS D 20 9.07 -2.32 22.46
C LYS D 20 8.43 -3.42 23.27
N GLU D 21 7.23 -3.15 23.77
CA GLU D 21 6.44 -4.17 24.45
C GLU D 21 5.41 -4.72 23.48
N ALA D 22 5.15 -6.02 23.54
CA ALA D 22 4.18 -6.63 22.65
C ALA D 22 3.52 -7.83 23.31
N LEU D 23 2.25 -8.01 22.98
CA LEU D 23 1.41 -9.07 23.49
C LEU D 23 1.51 -10.36 22.67
N LEU D 24 1.92 -11.45 23.31
CA LEU D 24 1.89 -12.78 22.71
C LEU D 24 0.44 -13.23 22.53
N ASP D 25 -0.02 -13.31 21.28
CA ASP D 25 -1.45 -13.40 21.10
C ASP D 25 -1.92 -14.57 20.21
N THR D 26 -2.19 -15.73 20.84
CA THR D 26 -2.62 -16.93 20.12
C THR D 26 -3.92 -16.71 19.32
N GLY D 27 -4.63 -15.65 19.64
CA GLY D 27 -5.87 -15.33 18.96
C GLY D 27 -5.65 -14.48 17.72
N ALA D 28 -4.41 -14.12 17.46
CA ALA D 28 -4.03 -13.31 16.31
C ALA D 28 -3.36 -14.15 15.21
N ASP D 29 -3.96 -14.21 14.02
CA ASP D 29 -3.34 -14.90 12.89
C ASP D 29 -1.99 -14.26 12.60
N ASP D 30 -1.98 -12.94 12.61
CA ASP D 30 -0.83 -12.17 12.15
C ASP D 30 -0.25 -11.25 13.21
N THR D 31 0.93 -10.73 12.93
CA THR D 31 1.59 -9.82 13.83
C THR D 31 1.25 -8.38 13.45
N VAL D 32 0.74 -7.63 14.42
CA VAL D 32 0.36 -6.23 14.17
C VAL D 32 1.09 -5.27 15.12
N LEU D 33 1.86 -4.35 14.55
CA LEU D 33 2.59 -3.37 15.34
C LEU D 33 1.94 -1.98 15.25
N GLU D 34 2.08 -1.18 16.30
CA GLU D 34 1.58 0.18 16.26
C GLU D 34 2.37 0.95 15.21
N ASP D 35 1.74 1.99 14.65
CA ASP D 35 2.32 2.77 13.56
C ASP D 35 3.81 3.05 13.75
N MET D 36 4.58 2.67 12.75
CA MET D 36 6.03 2.89 12.71
C MET D 36 6.51 2.71 11.28
N GLU D 37 7.71 3.17 10.97
CA GLU D 37 8.25 3.02 9.62
C GLU D 37 9.10 1.75 9.47
N LEU D 38 8.79 1.01 8.42
CA LEU D 38 9.49 -0.24 8.14
C LEU D 38 9.93 -0.19 6.70
N PRO D 39 11.02 -0.92 6.39
CA PRO D 39 11.55 -1.04 5.02
C PRO D 39 10.63 -1.84 4.11
N GLY D 40 10.60 -1.49 2.84
CA GLY D 40 10.03 -2.35 1.83
C GLY D 40 8.82 -1.77 1.12
N ARG D 41 8.34 -2.52 0.14
CA ARG D 41 7.08 -2.21 -0.52
C ARG D 41 5.91 -2.62 0.37
N TYR D 42 5.16 -1.63 0.88
CA TYR D 42 3.98 -1.96 1.69
C TYR D 42 2.82 -2.36 0.79
N LYS D 43 2.20 -3.49 1.09
CA LYS D 43 0.90 -3.77 0.52
C LYS D 43 -0.16 -3.32 1.52
N PRO D 44 -1.00 -2.35 1.11
CA PRO D 44 -2.09 -1.95 2.00
C PRO D 44 -3.04 -3.13 2.17
N ARG D 45 -3.54 -3.31 3.38
CA ARG D 45 -4.35 -4.47 3.68
C ARG D 45 -5.37 -4.09 4.75
N MET D 46 -6.44 -4.87 4.88
CA MET D 46 -7.34 -4.67 5.98
C MET D 46 -7.48 -5.89 6.85
N ILE D 47 -7.69 -5.63 8.12
CA ILE D 47 -7.63 -6.65 9.14
C ILE D 47 -8.79 -6.40 10.10
N GLY D 48 -9.47 -7.46 10.52
CA GLY D 48 -10.72 -7.29 11.25
C GLY D 48 -10.67 -7.82 12.65
N GLY D 49 -11.23 -7.07 13.57
CA GLY D 49 -11.17 -7.42 14.98
C GLY D 49 -12.52 -7.28 15.63
N ILE D 50 -12.52 -7.29 16.95
CA ILE D 50 -13.75 -7.24 17.70
C ILE D 50 -14.54 -5.97 17.35
N GLY D 51 -13.81 -4.86 17.17
CA GLY D 51 -14.47 -3.59 16.86
C GLY D 51 -14.52 -3.20 15.39
N GLY D 52 -14.45 -4.19 14.49
CA GLY D 52 -14.49 -3.91 13.07
C GLY D 52 -13.11 -4.01 12.45
N PHE D 53 -12.96 -3.40 11.27
CA PHE D 53 -11.73 -3.41 10.48
C PHE D 53 -10.82 -2.21 10.67
N VAL D 54 -9.51 -2.45 10.62
CA VAL D 54 -8.55 -1.37 10.48
C VAL D 54 -7.68 -1.61 9.25
N LYS D 55 -7.24 -0.53 8.62
CA LYS D 55 -6.34 -0.62 7.48
C LYS D 55 -4.91 -0.66 7.98
N VAL D 56 -4.13 -1.55 7.41
CA VAL D 56 -2.76 -1.72 7.88
C VAL D 56 -1.83 -1.73 6.66
N ARG D 57 -0.54 -1.52 6.92
CA ARG D 57 0.49 -1.68 5.91
C ARG D 57 1.22 -3.00 6.15
N GLN D 58 1.18 -3.92 5.19
CA GLN D 58 1.88 -5.19 5.33
C GLN D 58 3.32 -5.13 4.83
N TYR D 59 4.27 -5.44 5.72
CA TYR D 59 5.68 -5.52 5.35
C TYR D 59 6.21 -6.94 5.52
N ASP D 60 7.06 -7.38 4.60
CA ASP D 60 7.53 -8.76 4.65
C ASP D 60 8.98 -8.89 5.12
N GLN D 61 9.32 -10.06 5.64
CA GLN D 61 10.70 -10.40 6.00
C GLN D 61 11.34 -9.42 6.96
N ILE D 62 10.56 -8.98 7.94
CA ILE D 62 11.04 -8.04 8.92
C ILE D 62 11.72 -8.79 10.05
N PRO D 63 12.99 -8.49 10.26
CA PRO D 63 13.63 -9.19 11.37
C PRO D 63 13.22 -8.58 12.71
N ILE D 64 12.99 -9.45 13.71
CA ILE D 64 12.59 -9.06 15.06
C ILE D 64 13.21 -10.02 16.05
N GLU D 65 13.70 -9.50 17.16
CA GLU D 65 14.03 -10.36 18.28
C GLU D 65 12.94 -10.29 19.34
N ILE D 66 12.47 -11.47 19.73
CA ILE D 66 11.46 -11.62 20.77
C ILE D 66 12.09 -12.39 21.90
N CYS D 67 12.21 -11.75 23.07
CA CYS D 67 12.85 -12.37 24.24
C CYS D 67 14.16 -13.04 23.87
N GLY D 68 15.02 -12.33 23.16
CA GLY D 68 16.31 -12.90 22.79
C GLY D 68 16.28 -13.91 21.66
N HIS D 69 15.10 -14.14 21.08
CA HIS D 69 15.00 -15.05 19.92
C HIS D 69 14.75 -14.30 18.61
N LYS D 70 15.54 -14.62 17.60
CA LYS D 70 15.38 -13.99 16.29
C LYS D 70 14.28 -14.63 15.45
N VAL D 71 13.36 -13.80 14.95
CA VAL D 71 12.36 -14.25 13.99
C VAL D 71 12.49 -13.33 12.80
N ILE D 72 12.06 -13.81 11.64
CA ILE D 72 12.01 -12.96 10.45
C ILE D 72 10.74 -13.30 9.72
N GLY D 73 9.86 -12.31 9.54
CA GLY D 73 8.56 -12.62 9.00
C GLY D 73 7.69 -11.41 8.73
N THR D 74 6.42 -11.67 8.44
CA THR D 74 5.50 -10.64 8.02
C THR D 74 4.97 -9.83 9.21
N VAL D 75 4.98 -8.51 9.05
CA VAL D 75 4.50 -7.59 10.07
C VAL D 75 3.45 -6.65 9.45
N LEU D 76 2.32 -6.50 10.13
CA LEU D 76 1.33 -5.53 9.71
C LEU D 76 1.49 -4.31 10.62
N VAL D 77 1.45 -3.12 10.05
CA VAL D 77 1.57 -1.91 10.85
C VAL D 77 0.34 -1.01 10.68
N GLY D 78 -0.22 -0.56 11.80
CA GLY D 78 -1.39 0.29 11.72
C GLY D 78 -1.89 0.69 13.09
N PRO D 79 -3.12 1.22 13.14
CA PRO D 79 -3.79 1.76 14.34
C PRO D 79 -4.30 0.70 15.30
N THR D 80 -3.43 -0.20 15.74
CA THR D 80 -3.79 -1.18 16.74
C THR D 80 -3.50 -0.58 18.13
N PRO D 81 -4.35 -0.89 19.12
CA PRO D 81 -4.18 -0.38 20.48
C PRO D 81 -2.92 -0.90 21.17
N THR D 82 -2.37 -2.01 20.71
CA THR D 82 -1.21 -2.63 21.33
C THR D 82 -0.42 -3.42 20.30
N ASN D 83 0.89 -3.43 20.43
CA ASN D 83 1.69 -4.35 19.65
C ASN D 83 1.27 -5.80 19.94
N ILE D 84 1.02 -6.59 18.91
CA ILE D 84 0.64 -7.98 19.13
C ILE D 84 1.48 -8.91 18.26
N ILE D 85 1.98 -9.97 18.87
CA ILE D 85 2.73 -10.98 18.17
C ILE D 85 1.76 -12.10 17.89
N GLY D 86 1.44 -12.31 16.61
CA GLY D 86 0.51 -13.37 16.22
C GLY D 86 1.20 -14.69 15.94
N ARG D 87 0.42 -15.68 15.56
CA ARG D 87 0.89 -17.03 15.40
C ARG D 87 1.96 -17.18 14.30
N ASN D 88 1.94 -16.29 13.31
CA ASN D 88 2.91 -16.32 12.22
C ASN D 88 4.33 -16.20 12.78
N LEU D 89 4.50 -15.41 13.84
CA LEU D 89 5.80 -15.32 14.52
C LEU D 89 5.93 -16.21 15.76
N MET D 90 4.83 -16.49 16.45
CA MET D 90 4.88 -17.43 17.58
C MET D 90 5.27 -18.83 17.13
N THR D 91 4.87 -19.23 15.93
CA THR D 91 5.34 -20.52 15.40
C THR D 91 6.85 -20.49 15.12
N GLN D 92 7.36 -19.36 14.64
CA GLN D 92 8.80 -19.23 14.46
C GLN D 92 9.53 -19.35 15.80
N LEU D 93 8.87 -18.96 16.88
CA LEU D 93 9.42 -19.10 18.23
C LEU D 93 9.31 -20.52 18.73
N GLY D 94 8.50 -21.35 18.08
CA GLY D 94 8.21 -22.67 18.60
C GLY D 94 7.32 -22.61 19.84
N CYS D 95 6.48 -21.58 19.90
CA CYS D 95 5.56 -21.43 21.02
C CYS D 95 4.38 -22.40 20.94
N THR D 96 4.01 -23.00 22.07
CA THR D 96 2.80 -23.81 22.12
C THR D 96 1.95 -23.40 23.33
N LEU D 97 0.67 -23.76 23.27
CA LEU D 97 -0.28 -23.60 24.36
C LEU D 97 -0.34 -24.91 25.15
N ASN D 98 -0.25 -24.83 26.47
CA ASN D 98 -0.21 -26.08 27.22
C ASN D 98 -1.11 -26.05 28.45
N PHE D 99 -1.86 -27.14 28.66
CA PHE D 99 -2.61 -27.31 29.90
C PHE D 99 -3.03 -28.76 30.12
#